data_5OHH
#
_entry.id   5OHH
#
_cell.length_a   56.501
_cell.length_b   57.419
_cell.length_c   159.909
_cell.angle_alpha   90.000
_cell.angle_beta   90.000
_cell.angle_gamma   90.000
#
_symmetry.space_group_name_H-M   'P 21 21 21'
#
loop_
_entity.id
_entity.type
_entity.pdbx_description
1 polymer 'Carbonic anhydrase 13'
2 non-polymer 'ZINC ION'
3 non-polymer 'CITRIC ACID'
4 non-polymer 1,2-ETHANEDIOL
5 non-polymer 'AZIDE ION'
6 non-polymer BICINE
7 non-polymer DI(HYDROXYETHYL)ETHER
8 non-polymer 'PERCHLORATE ION'
9 non-polymer 'ACETATE ION'
10 non-polymer 2-[(1S)-2,3-dihydro-1H-inden-1-ylamino]-3,5,6-trifluoro-4-[(2-hydroxyethyl)sulfanyl]benzenesulfonamide
11 water water
#
_entity_poly.entity_id   1
_entity_poly.type   'polypeptide(L)'
_entity_poly.pdbx_seq_one_letter_code
;MMSRLSWGYREHNGPIHWKEFFPIADGDQQSPIEIKTKEVKYDSSLRPLSIKYDPSSAKIISNSGHSFNVDFDDTENKSV
LRGGPLTGSYRLRQVHLHWGSADDHGSEHIVDGVSYAAELHVVHWNSDKYPSFVEAAHEPDGLAVLGVFLQIGEPNSQLQ
KITDTLDSIKEKGKQTRFTNFDLLSLLPPSWDYWTYPGSLTVPPLLESVTWIVLKQPINISSQQLAKFRSLLCTAEGEAA
AFLVSNHRPPQPLKGRKVRASFH
;
_entity_poly.pdbx_strand_id   B,A
#
loop_
_chem_comp.id
_chem_comp.type
_chem_comp.name
_chem_comp.formula
5DU non-polymer 2-[(1S)-2,3-dihydro-1H-inden-1-ylamino]-3,5,6-trifluoro-4-[(2-hydroxyethyl)sulfanyl]benzenesulfonamide 'C17 H17 F3 N2 O3 S2'
ACT non-polymer 'ACETATE ION' 'C2 H3 O2 -1'
AZI non-polymer 'AZIDE ION' 'N3 -1'
BCN non-polymer BICINE 'C6 H13 N O4'
CIT non-polymer 'CITRIC ACID' 'C6 H8 O7'
EDO non-polymer 1,2-ETHANEDIOL 'C2 H6 O2'
LCP non-polymer 'PERCHLORATE ION' 'Cl O4 -1'
PEG non-polymer DI(HYDROXYETHYL)ETHER 'C4 H10 O3'
ZN non-polymer 'ZINC ION' 'Zn 2'
#
# COMPACT_ATOMS: atom_id res chain seq x y z
N SER A 6 15.25 -36.44 -8.57
CA SER A 6 14.99 -34.95 -8.60
C SER A 6 15.21 -34.33 -7.20
N TRP A 7 15.44 -33.02 -7.17
CA TRP A 7 15.79 -32.32 -5.94
C TRP A 7 14.61 -32.32 -4.95
N GLY A 8 14.95 -32.23 -3.67
CA GLY A 8 13.89 -32.18 -2.69
C GLY A 8 14.44 -31.65 -1.39
N TYR A 9 13.88 -32.16 -0.29
CA TYR A 9 14.35 -31.86 1.03
C TYR A 9 14.60 -33.07 1.90
N ARG A 10 14.81 -34.20 1.23
CA ARG A 10 15.13 -35.44 1.96
C ARG A 10 16.62 -35.59 1.96
N GLU A 11 17.10 -36.68 2.58
CA GLU A 11 18.52 -36.79 2.86
C GLU A 11 19.40 -36.75 1.61
N HIS A 12 18.98 -37.45 0.59
CA HIS A 12 19.84 -37.62 -0.57
C HIS A 12 19.65 -36.59 -1.63
N ASN A 13 18.54 -35.86 -1.54
CA ASN A 13 18.25 -34.88 -2.54
C ASN A 13 18.06 -33.46 -1.98
N GLY A 14 18.42 -33.31 -0.75
CA GLY A 14 18.07 -32.04 -0.03
C GLY A 14 19.10 -30.93 -0.21
N PRO A 15 18.89 -29.78 0.41
CA PRO A 15 19.71 -28.58 0.17
C PRO A 15 21.21 -28.76 0.05
N ILE A 16 21.81 -29.55 0.97
CA ILE A 16 23.23 -29.67 0.90
C ILE A 16 23.69 -30.38 -0.40
N HIS A 17 22.81 -31.07 -1.10
CA HIS A 17 23.16 -31.70 -2.37
C HIS A 17 22.75 -30.96 -3.61
N TRP A 18 22.07 -29.81 -3.46
CA TRP A 18 21.58 -29.13 -4.62
C TRP A 18 22.67 -28.63 -5.51
N LYS A 19 23.79 -28.29 -4.96
CA LYS A 19 24.93 -27.77 -5.77
C LYS A 19 25.39 -28.86 -6.79
N GLU A 20 25.03 -30.10 -6.50
CA GLU A 20 25.57 -31.18 -7.32
C GLU A 20 24.83 -31.11 -8.67
N PHE A 21 23.60 -30.60 -8.70
CA PHE A 21 22.87 -30.34 -9.92
C PHE A 21 22.67 -28.88 -10.40
N PHE A 22 22.84 -27.91 -9.47
CA PHE A 22 22.75 -26.48 -9.77
C PHE A 22 23.93 -25.78 -9.07
N PRO A 23 25.04 -25.62 -9.78
CA PRO A 23 26.21 -25.12 -9.11
C PRO A 23 26.14 -23.67 -8.56
N ILE A 24 25.16 -22.90 -9.07
CA ILE A 24 24.95 -21.55 -8.50
C ILE A 24 24.47 -21.58 -7.02
N ALA A 25 24.20 -22.81 -6.52
CA ALA A 25 23.87 -23.01 -5.10
C ALA A 25 24.98 -22.45 -4.28
N ASP A 26 26.21 -22.40 -4.83
CA ASP A 26 27.33 -21.92 -4.11
C ASP A 26 27.78 -20.54 -4.59
N GLY A 27 26.82 -19.82 -5.14
CA GLY A 27 27.06 -18.46 -5.64
C GLY A 27 27.25 -17.36 -4.65
N ASP A 28 27.47 -16.14 -5.11
CA ASP A 28 27.73 -15.04 -4.23
C ASP A 28 26.48 -14.26 -3.84
N GLN A 29 25.32 -14.62 -4.41
CA GLN A 29 24.09 -13.84 -3.99
C GLN A 29 22.93 -14.83 -3.73
N GLN A 30 23.21 -15.83 -2.89
CA GLN A 30 22.22 -16.87 -2.50
C GLN A 30 21.39 -16.51 -1.27
N SER A 31 20.22 -17.11 -1.29
CA SER A 31 19.24 -16.81 -0.22
C SER A 31 18.79 -18.16 0.33
N PRO A 32 18.22 -18.20 1.55
CA PRO A 32 18.02 -17.09 2.48
C PRO A 32 19.30 -16.79 3.25
N ILE A 33 19.18 -15.84 4.18
CA ILE A 33 20.33 -15.36 4.97
C ILE A 33 19.91 -15.22 6.40
N GLU A 34 20.94 -15.15 7.25
N GLU A 34 20.92 -15.09 7.23
CA GLU A 34 20.92 -14.62 8.59
CA GLU A 34 20.76 -14.66 8.58
C GLU A 34 20.76 -13.07 8.47
C GLU A 34 20.77 -13.11 8.55
N ILE A 35 19.76 -12.52 9.13
CA ILE A 35 19.64 -11.09 9.24
C ILE A 35 20.14 -10.70 10.63
N LYS A 36 21.27 -10.01 10.70
CA LYS A 36 21.86 -9.59 11.98
C LYS A 36 21.57 -8.10 12.14
N THR A 37 20.68 -7.77 13.01
CA THR A 37 20.22 -6.40 13.03
C THR A 37 21.26 -5.38 13.35
N LYS A 38 22.31 -5.65 14.07
CA LYS A 38 23.32 -4.64 14.30
C LYS A 38 24.16 -4.42 13.11
N GLU A 39 24.11 -5.29 12.11
CA GLU A 39 24.86 -5.16 10.93
C GLU A 39 24.07 -4.54 9.75
N VAL A 40 22.77 -4.39 9.93
CA VAL A 40 21.94 -3.86 8.85
C VAL A 40 22.13 -2.35 8.82
N LYS A 41 22.10 -1.79 7.61
CA LYS A 41 22.23 -0.37 7.38
C LYS A 41 20.85 0.26 7.16
N TYR A 42 20.44 1.19 8.02
CA TYR A 42 19.28 1.98 7.75
C TYR A 42 19.56 2.85 6.52
N ASP A 43 18.62 2.89 5.57
CA ASP A 43 18.82 3.64 4.31
C ASP A 43 17.63 4.54 4.11
N SER A 44 17.82 5.86 4.27
CA SER A 44 16.73 6.78 4.11
C SER A 44 16.24 6.87 2.70
N SER A 45 16.89 6.34 1.70
CA SER A 45 16.36 6.40 0.34
C SER A 45 15.32 5.29 0.09
N LEU A 46 15.29 4.24 0.93
CA LEU A 46 14.26 3.20 0.77
C LEU A 46 12.88 3.82 0.99
N ARG A 47 11.95 3.35 0.18
CA ARG A 47 10.57 3.84 0.27
C ARG A 47 9.63 2.88 0.98
N PRO A 48 8.58 3.39 1.57
CA PRO A 48 7.53 2.42 2.05
C PRO A 48 7.03 1.52 0.93
N LEU A 49 6.61 0.32 1.28
CA LEU A 49 5.99 -0.53 0.20
C LEU A 49 4.69 0.09 -0.32
N SER A 50 4.53 0.05 -1.65
CA SER A 50 3.26 0.39 -2.29
C SER A 50 2.62 -0.90 -2.80
N ILE A 51 1.55 -1.30 -2.16
CA ILE A 51 1.02 -2.66 -2.40
C ILE A 51 -0.37 -2.62 -2.87
N LYS A 52 -0.64 -3.24 -4.03
CA LYS A 52 -2.02 -3.39 -4.54
C LYS A 52 -2.26 -4.84 -4.92
N TYR A 53 -3.09 -5.55 -4.18
CA TYR A 53 -3.41 -6.95 -4.52
C TYR A 53 -4.90 -7.10 -4.68
N ASP A 54 -5.32 -7.55 -5.87
CA ASP A 54 -6.74 -7.74 -6.15
C ASP A 54 -7.13 -9.12 -5.69
N PRO A 55 -8.11 -9.30 -4.81
CA PRO A 55 -8.48 -10.68 -4.36
C PRO A 55 -8.97 -11.59 -5.45
N SER A 56 -9.28 -11.08 -6.60
CA SER A 56 -9.74 -11.94 -7.67
C SER A 56 -8.56 -12.47 -8.44
N SER A 57 -7.33 -11.93 -8.25
CA SER A 57 -6.17 -12.36 -9.00
C SER A 57 -5.80 -13.83 -8.74
N ALA A 58 -6.01 -14.35 -7.52
CA ALA A 58 -5.69 -15.75 -7.23
C ALA A 58 -6.63 -16.60 -8.05
N LYS A 59 -6.06 -17.68 -8.63
CA LYS A 59 -6.93 -18.57 -9.42
C LYS A 59 -6.87 -20.03 -9.04
N ILE A 60 -5.65 -20.57 -8.72
CA ILE A 60 -5.53 -22.04 -8.63
C ILE A 60 -4.57 -22.25 -7.49
N ILE A 61 -4.78 -23.28 -6.69
CA ILE A 61 -3.78 -23.74 -5.70
C ILE A 61 -3.34 -25.13 -6.11
N SER A 62 -2.08 -25.44 -6.05
CA SER A 62 -1.58 -26.76 -6.43
C SER A 62 -0.53 -27.22 -5.44
N ASN A 63 -0.19 -28.52 -5.51
CA ASN A 63 0.92 -29.08 -4.75
C ASN A 63 2.03 -29.25 -5.74
N SER A 64 3.12 -28.49 -5.67
CA SER A 64 4.26 -28.69 -6.58
C SER A 64 5.17 -29.83 -6.24
N GLY A 65 4.88 -30.46 -5.12
CA GLY A 65 5.87 -31.44 -4.51
C GLY A 65 6.83 -30.78 -3.57
N HIS A 66 6.98 -29.44 -3.58
CA HIS A 66 7.97 -28.69 -2.84
C HIS A 66 7.29 -27.68 -1.89
N SER A 67 6.03 -27.36 -2.14
CA SER A 67 5.21 -26.48 -1.31
C SER A 67 3.82 -26.54 -1.90
N PHE A 68 2.86 -25.78 -1.39
CA PHE A 68 1.67 -25.44 -2.22
C PHE A 68 2.11 -24.20 -3.02
N ASN A 69 1.44 -24.00 -4.14
CA ASN A 69 1.57 -22.75 -4.92
C ASN A 69 0.24 -22.21 -5.28
N VAL A 70 -0.03 -20.95 -4.89
CA VAL A 70 -1.19 -20.20 -5.32
C VAL A 70 -0.72 -19.44 -6.54
N ASP A 71 -1.36 -19.67 -7.71
CA ASP A 71 -0.98 -19.03 -8.96
C ASP A 71 -2.00 -17.92 -9.18
N PHE A 72 -1.47 -16.73 -9.47
CA PHE A 72 -2.28 -15.56 -9.80
C PHE A 72 -2.25 -15.33 -11.26
N ASP A 73 -3.40 -14.79 -11.73
CA ASP A 73 -3.46 -14.35 -13.15
C ASP A 73 -2.56 -13.10 -13.28
N ASP A 74 -1.50 -13.21 -14.01
CA ASP A 74 -0.57 -12.13 -14.18
C ASP A 74 -0.60 -11.62 -15.67
N THR A 75 -1.77 -11.69 -16.22
CA THR A 75 -2.01 -11.15 -17.61
C THR A 75 -1.78 -9.67 -17.62
N GLU A 76 -2.21 -8.93 -16.61
CA GLU A 76 -1.91 -7.45 -16.62
C GLU A 76 -1.69 -6.95 -15.20
N ASN A 77 -1.67 -5.65 -14.98
CA ASN A 77 -1.29 -5.07 -13.74
C ASN A 77 -2.38 -4.85 -12.74
N LYS A 78 -3.28 -5.80 -12.48
N LYS A 78 -3.26 -5.81 -12.48
CA LYS A 78 -4.24 -5.70 -11.39
CA LYS A 78 -4.21 -5.68 -11.40
C LYS A 78 -3.55 -5.77 -10.00
C LYS A 78 -3.54 -5.75 -10.01
N SER A 79 -2.50 -6.57 -9.88
CA SER A 79 -1.86 -6.83 -8.56
C SER A 79 -0.37 -6.57 -8.72
N VAL A 80 0.13 -5.48 -8.08
CA VAL A 80 1.50 -5.03 -8.25
C VAL A 80 2.09 -4.58 -6.95
N LEU A 81 3.43 -4.71 -6.91
CA LEU A 81 4.24 -4.16 -5.83
C LEU A 81 5.17 -3.13 -6.40
N ARG A 82 5.18 -1.95 -5.71
CA ARG A 82 6.02 -0.80 -6.09
C ARG A 82 6.64 -0.26 -4.79
N GLY A 83 7.50 0.76 -4.94
CA GLY A 83 8.08 1.35 -3.79
C GLY A 83 9.10 0.38 -3.19
N GLY A 84 9.27 0.49 -1.88
CA GLY A 84 10.34 -0.37 -1.24
C GLY A 84 11.68 0.04 -1.85
N PRO A 85 12.57 -0.90 -2.17
CA PRO A 85 13.86 -0.70 -2.86
C PRO A 85 13.70 -0.73 -4.37
N LEU A 86 12.46 -0.90 -4.88
CA LEU A 86 12.23 -1.27 -6.28
C LEU A 86 12.14 -0.07 -7.26
N THR A 87 12.73 -0.27 -8.42
CA THR A 87 12.54 0.69 -9.55
C THR A 87 11.44 0.06 -10.41
N GLY A 88 10.33 0.78 -10.56
CA GLY A 88 9.28 0.30 -11.43
C GLY A 88 8.32 -0.71 -10.74
N SER A 89 7.51 -1.34 -11.55
CA SER A 89 6.36 -2.11 -11.08
C SER A 89 6.61 -3.60 -11.26
N TYR A 90 6.35 -4.33 -10.14
CA TYR A 90 6.56 -5.78 -10.12
C TYR A 90 5.23 -6.47 -9.95
N ARG A 91 4.84 -7.31 -10.91
CA ARG A 91 3.53 -7.95 -11.00
C ARG A 91 3.45 -9.24 -10.19
N LEU A 92 2.39 -9.38 -9.44
CA LEU A 92 2.18 -10.59 -8.59
C LEU A 92 2.06 -11.79 -9.47
N ARG A 93 2.80 -12.86 -9.16
CA ARG A 93 2.67 -14.13 -9.85
C ARG A 93 2.27 -15.31 -8.98
N GLN A 94 2.84 -15.48 -7.80
CA GLN A 94 2.71 -16.75 -7.09
C GLN A 94 2.97 -16.50 -5.62
N VAL A 95 2.31 -17.31 -4.80
CA VAL A 95 2.56 -17.36 -3.33
C VAL A 95 2.81 -18.82 -2.91
N HIS A 96 3.77 -19.03 -2.03
CA HIS A 96 4.00 -20.37 -1.47
C HIS A 96 4.57 -20.18 -0.07
N LEU A 97 4.76 -21.31 0.65
CA LEU A 97 5.12 -21.29 2.11
C LEU A 97 6.23 -22.27 2.36
N HIS A 98 7.08 -21.88 3.29
CA HIS A 98 8.14 -22.84 3.81
C HIS A 98 7.91 -23.05 5.26
N TRP A 99 8.17 -24.27 5.72
CA TRP A 99 7.99 -24.65 7.14
C TRP A 99 9.04 -25.67 7.44
N GLY A 100 9.01 -26.12 8.72
CA GLY A 100 9.95 -27.19 9.20
C GLY A 100 9.10 -28.24 9.82
N SER A 101 9.82 -29.29 10.31
CA SER A 101 9.11 -30.38 11.07
C SER A 101 8.69 -29.93 12.46
N ALA A 102 9.25 -28.89 13.01
CA ALA A 102 8.88 -28.46 14.37
C ALA A 102 8.54 -26.96 14.28
N ASP A 103 7.62 -26.53 15.10
CA ASP A 103 7.16 -25.14 15.06
C ASP A 103 8.18 -24.14 15.45
N ASP A 104 9.31 -24.49 16.05
CA ASP A 104 10.14 -23.33 16.38
C ASP A 104 11.29 -23.20 15.40
N HIS A 105 11.31 -23.96 14.27
CA HIS A 105 12.34 -23.79 13.30
C HIS A 105 11.82 -24.13 11.92
N GLY A 106 11.13 -23.20 11.28
CA GLY A 106 10.56 -23.43 9.98
C GLY A 106 10.81 -22.33 8.93
N SER A 107 11.26 -21.15 9.37
CA SER A 107 11.47 -20.08 8.37
C SER A 107 12.74 -20.32 7.62
N GLU A 108 12.90 -19.55 6.54
CA GLU A 108 14.16 -19.51 5.77
C GLU A 108 15.08 -18.42 6.23
N HIS A 109 14.63 -17.16 6.18
CA HIS A 109 15.38 -16.07 6.81
C HIS A 109 15.29 -16.27 8.32
N ILE A 110 16.39 -15.85 9.02
CA ILE A 110 16.55 -16.08 10.49
C ILE A 110 17.00 -14.71 11.00
N VAL A 111 16.41 -14.18 12.08
CA VAL A 111 16.75 -12.85 12.52
C VAL A 111 17.43 -12.91 13.91
N ASP A 112 18.74 -12.59 13.91
CA ASP A 112 19.56 -12.70 15.14
C ASP A 112 19.36 -14.10 15.77
N GLY A 113 19.35 -15.14 14.94
CA GLY A 113 19.17 -16.50 15.42
C GLY A 113 17.79 -16.98 15.61
N VAL A 114 16.80 -16.08 15.51
CA VAL A 114 15.40 -16.46 15.71
C VAL A 114 14.81 -17.01 14.38
N SER A 115 14.59 -18.30 14.30
N SER A 115 14.43 -18.27 14.38
CA SER A 115 13.77 -18.88 13.27
CA SER A 115 13.65 -18.83 13.28
C SER A 115 12.30 -18.64 13.71
C SER A 115 12.25 -18.97 13.63
N TYR A 116 11.43 -18.50 12.72
CA TYR A 116 9.99 -18.47 12.92
C TYR A 116 9.36 -19.75 12.56
N ALA A 117 8.07 -19.94 12.81
CA ALA A 117 7.42 -21.24 12.51
C ALA A 117 7.31 -21.54 11.03
N ALA A 118 7.18 -20.45 10.23
CA ALA A 118 7.08 -20.66 8.73
C ALA A 118 7.37 -19.34 8.11
N GLU A 119 7.43 -19.38 6.76
CA GLU A 119 7.70 -18.14 5.99
C GLU A 119 6.97 -18.20 4.68
N LEU A 120 6.13 -17.20 4.44
CA LEU A 120 5.41 -17.03 3.17
C LEU A 120 6.27 -16.22 2.19
N HIS A 121 6.29 -16.67 0.94
CA HIS A 121 6.95 -15.94 -0.16
C HIS A 121 5.98 -15.54 -1.19
N VAL A 122 6.01 -14.21 -1.48
CA VAL A 122 5.09 -13.61 -2.46
C VAL A 122 5.98 -13.15 -3.63
N VAL A 123 5.83 -13.79 -4.79
CA VAL A 123 6.76 -13.65 -5.89
C VAL A 123 6.15 -12.72 -6.98
N HIS A 124 6.96 -11.74 -7.41
CA HIS A 124 6.53 -10.71 -8.38
C HIS A 124 7.63 -10.57 -9.41
N TRP A 125 7.25 -10.09 -10.61
CA TRP A 125 8.21 -9.90 -11.69
C TRP A 125 8.10 -8.54 -12.40
N ASN A 126 9.25 -8.05 -12.82
CA ASN A 126 9.38 -6.69 -13.39
C ASN A 126 8.77 -6.61 -14.83
N SER A 127 7.51 -6.19 -14.89
CA SER A 127 6.85 -6.09 -16.23
C SER A 127 7.13 -4.76 -16.84
N ASP A 128 7.81 -3.84 -16.14
CA ASP A 128 8.18 -2.58 -16.80
C ASP A 128 9.42 -2.81 -17.68
N LYS A 129 10.25 -3.80 -17.46
CA LYS A 129 11.48 -4.09 -18.19
C LYS A 129 11.46 -5.38 -18.97
N TYR A 130 10.58 -6.33 -18.61
CA TYR A 130 10.58 -7.66 -19.20
C TYR A 130 9.21 -7.96 -19.66
N PRO A 131 9.09 -8.80 -20.71
CA PRO A 131 7.81 -9.12 -21.27
C PRO A 131 7.08 -10.28 -20.56
N SER A 132 7.83 -11.02 -19.70
CA SER A 132 7.17 -12.20 -19.07
C SER A 132 8.04 -12.51 -17.83
N PHE A 133 7.37 -13.28 -16.97
CA PHE A 133 8.06 -13.84 -15.80
C PHE A 133 9.31 -14.64 -16.20
N VAL A 134 9.22 -15.47 -17.26
CA VAL A 134 10.36 -16.27 -17.66
C VAL A 134 11.61 -15.42 -17.97
N GLU A 135 11.41 -14.33 -18.75
CA GLU A 135 12.52 -13.47 -19.03
C GLU A 135 13.04 -12.67 -17.80
N ALA A 136 12.10 -12.27 -16.94
CA ALA A 136 12.50 -11.53 -15.76
C ALA A 136 13.31 -12.47 -14.78
N ALA A 137 12.99 -13.73 -14.77
CA ALA A 137 13.52 -14.61 -13.70
C ALA A 137 15.05 -14.83 -13.88
N HIS A 138 15.63 -14.47 -15.02
CA HIS A 138 17.05 -14.60 -15.22
C HIS A 138 17.80 -13.31 -15.22
N GLU A 139 17.23 -12.23 -14.67
CA GLU A 139 17.94 -11.03 -14.62
C GLU A 139 18.04 -10.38 -13.21
N PRO A 140 19.09 -9.70 -12.89
CA PRO A 140 19.25 -9.33 -11.44
C PRO A 140 18.18 -8.41 -10.92
N ASP A 141 17.57 -7.60 -11.76
CA ASP A 141 16.44 -6.74 -11.39
C ASP A 141 15.06 -7.41 -11.76
N GLY A 142 15.02 -8.68 -12.07
CA GLY A 142 13.83 -9.25 -12.63
C GLY A 142 12.70 -9.54 -11.59
N LEU A 143 13.05 -10.06 -10.38
CA LEU A 143 12.05 -10.54 -9.46
C LEU A 143 12.11 -9.77 -8.17
N ALA A 144 10.91 -9.64 -7.54
CA ALA A 144 10.87 -9.06 -6.16
C ALA A 144 10.06 -10.05 -5.37
N VAL A 145 10.61 -10.42 -4.20
CA VAL A 145 9.88 -11.39 -3.37
C VAL A 145 9.72 -10.82 -1.95
N LEU A 146 8.47 -10.83 -1.51
N LEU A 146 8.47 -10.73 -1.51
CA LEU A 146 8.11 -10.36 -0.17
CA LEU A 146 8.19 -10.45 -0.10
C LEU A 146 8.10 -11.58 0.78
C LEU A 146 8.38 -11.77 0.68
N GLY A 147 8.96 -11.58 1.81
CA GLY A 147 8.94 -12.68 2.79
C GLY A 147 8.21 -12.23 4.04
N VAL A 148 7.28 -13.06 4.51
CA VAL A 148 6.45 -12.77 5.66
C VAL A 148 6.58 -13.92 6.62
N PHE A 149 7.06 -13.65 7.84
CA PHE A 149 7.16 -14.71 8.85
C PHE A 149 5.84 -15.07 9.39
N LEU A 150 5.72 -16.32 9.79
CA LEU A 150 4.52 -16.84 10.56
C LEU A 150 5.00 -17.29 11.91
N GLN A 151 4.30 -16.90 12.94
CA GLN A 151 4.51 -17.39 14.32
C GLN A 151 3.24 -18.11 14.78
N ILE A 152 3.44 -19.05 15.73
CA ILE A 152 2.28 -19.74 16.28
C ILE A 152 1.48 -18.77 17.16
N GLY A 153 0.20 -18.76 16.91
CA GLY A 153 -0.70 -17.97 17.81
C GLY A 153 -2.12 -18.36 17.44
N GLU A 154 -2.99 -17.34 17.33
N GLU A 154 -3.03 -17.43 17.40
CA GLU A 154 -4.41 -17.48 16.93
CA GLU A 154 -4.40 -17.79 17.11
C GLU A 154 -4.59 -18.10 15.52
C GLU A 154 -4.50 -18.32 15.68
N PRO A 155 -5.52 -19.04 15.35
CA PRO A 155 -5.84 -19.46 14.00
C PRO A 155 -6.01 -18.21 13.13
N ASN A 156 -5.60 -18.31 11.88
CA ASN A 156 -5.67 -17.19 10.94
C ASN A 156 -6.78 -17.56 9.97
N SER A 157 -7.88 -16.76 10.04
CA SER A 157 -9.05 -17.09 9.17
C SER A 157 -8.77 -17.05 7.66
N GLN A 158 -7.84 -16.21 7.24
CA GLN A 158 -7.47 -16.20 5.80
C GLN A 158 -6.61 -17.42 5.42
N LEU A 159 -5.75 -17.88 6.34
CA LEU A 159 -4.95 -19.08 6.05
C LEU A 159 -5.81 -20.35 6.15
N GLN A 160 -6.95 -20.29 6.88
CA GLN A 160 -7.87 -21.41 7.00
C GLN A 160 -8.38 -21.71 5.56
N LYS A 161 -8.55 -20.68 4.73
CA LYS A 161 -9.01 -20.93 3.40
C LYS A 161 -8.03 -21.78 2.59
N ILE A 162 -6.72 -21.54 2.79
CA ILE A 162 -5.71 -22.45 2.20
C ILE A 162 -5.73 -23.84 2.84
N THR A 163 -5.76 -23.91 4.18
CA THR A 163 -5.69 -25.24 4.82
C THR A 163 -6.89 -26.09 4.40
N ASP A 164 -8.05 -25.48 4.22
CA ASP A 164 -9.22 -26.24 3.80
C ASP A 164 -9.07 -26.93 2.48
N THR A 165 -8.16 -26.49 1.58
CA THR A 165 -7.98 -27.06 0.26
C THR A 165 -6.99 -28.20 0.29
N LEU A 166 -6.25 -28.38 1.36
CA LEU A 166 -5.03 -29.22 1.30
C LEU A 166 -5.40 -30.74 1.07
N ASP A 167 -6.51 -31.18 1.67
CA ASP A 167 -6.86 -32.60 1.44
C ASP A 167 -7.04 -32.82 -0.04
N SER A 168 -7.58 -31.85 -0.77
CA SER A 168 -7.80 -32.01 -2.18
C SER A 168 -6.56 -31.97 -3.09
N ILE A 169 -5.42 -31.51 -2.53
CA ILE A 169 -4.15 -31.45 -3.25
C ILE A 169 -3.02 -32.22 -2.55
N LYS A 170 -3.38 -33.32 -1.88
CA LYS A 170 -2.36 -34.08 -1.17
C LYS A 170 -1.24 -34.59 -2.02
N GLU A 171 -1.58 -35.16 -3.17
CA GLU A 171 -0.58 -35.66 -4.11
C GLU A 171 0.13 -34.62 -4.94
N LYS A 172 1.40 -34.80 -5.17
CA LYS A 172 2.16 -33.92 -6.00
C LYS A 172 1.46 -33.79 -7.36
N GLY A 173 1.28 -32.57 -7.84
CA GLY A 173 0.71 -32.29 -9.17
C GLY A 173 -0.81 -31.99 -9.06
N LYS A 174 -1.51 -32.31 -7.95
N LYS A 174 -1.51 -32.31 -7.98
CA LYS A 174 -2.94 -32.01 -7.73
CA LYS A 174 -2.88 -31.97 -7.96
C LYS A 174 -3.22 -30.49 -7.62
C LYS A 174 -3.07 -30.46 -7.86
N GLN A 175 -4.27 -30.06 -8.28
CA GLN A 175 -4.66 -28.65 -8.31
C GLN A 175 -6.12 -28.51 -8.04
N THR A 176 -6.51 -27.37 -7.52
CA THR A 176 -7.90 -27.08 -7.32
C THR A 176 -8.12 -25.56 -7.41
N ARG A 177 -9.32 -25.16 -7.76
CA ARG A 177 -9.58 -23.72 -7.98
C ARG A 177 -9.58 -23.02 -6.67
N PHE A 178 -9.04 -21.80 -6.65
CA PHE A 178 -8.86 -21.02 -5.46
C PHE A 178 -8.80 -19.57 -5.85
N THR A 179 -9.77 -18.83 -5.33
CA THR A 179 -9.81 -17.37 -5.67
C THR A 179 -10.43 -16.60 -4.52
N ASN A 180 -10.58 -15.28 -4.71
CA ASN A 180 -11.06 -14.43 -3.60
C ASN A 180 -10.19 -14.52 -2.35
N PHE A 181 -8.89 -14.28 -2.57
CA PHE A 181 -7.88 -14.35 -1.56
C PHE A 181 -7.33 -12.92 -1.35
N ASP A 182 -7.61 -12.40 -0.17
CA ASP A 182 -7.29 -11.00 0.12
C ASP A 182 -5.89 -10.94 0.70
N LEU A 183 -4.93 -11.08 -0.18
CA LEU A 183 -3.56 -11.06 0.22
C LEU A 183 -3.13 -9.80 0.97
N LEU A 184 -3.67 -8.66 0.54
CA LEU A 184 -3.30 -7.38 1.17
C LEU A 184 -3.69 -7.41 2.67
N SER A 185 -4.83 -8.00 3.01
N SER A 185 -4.84 -7.98 2.99
CA SER A 185 -5.29 -8.08 4.40
CA SER A 185 -5.27 -8.05 4.39
C SER A 185 -4.52 -9.12 5.22
C SER A 185 -4.44 -9.03 5.19
N LEU A 186 -3.88 -10.05 4.56
CA LEU A 186 -3.10 -11.07 5.24
C LEU A 186 -1.78 -10.49 5.82
N LEU A 187 -1.27 -9.44 5.17
CA LEU A 187 -0.02 -8.87 5.61
C LEU A 187 -0.13 -8.32 6.99
N PRO A 188 1.02 -8.29 7.75
CA PRO A 188 1.00 -7.79 9.12
C PRO A 188 0.70 -6.27 9.21
N PRO A 189 0.41 -5.77 10.37
CA PRO A 189 0.11 -4.31 10.52
C PRO A 189 1.30 -3.45 10.03
N SER A 190 2.56 -3.72 10.41
CA SER A 190 3.68 -2.92 10.00
C SER A 190 4.31 -3.58 8.78
N TRP A 191 4.63 -2.72 7.83
CA TRP A 191 5.34 -3.12 6.59
C TRP A 191 6.77 -2.67 6.61
N ASP A 192 7.30 -2.45 7.77
CA ASP A 192 8.76 -2.21 7.84
C ASP A 192 9.54 -3.46 7.46
N TYR A 193 10.65 -3.26 6.76
CA TYR A 193 11.36 -4.41 6.12
C TYR A 193 12.87 -4.26 6.07
N TRP A 194 13.50 -5.38 5.80
CA TRP A 194 14.87 -5.44 5.40
C TRP A 194 14.93 -5.85 3.97
N THR A 195 15.99 -5.45 3.27
CA THR A 195 16.13 -5.81 1.88
C THR A 195 17.58 -6.10 1.50
N TYR A 196 17.76 -7.03 0.57
CA TYR A 196 19.12 -7.39 0.06
C TYR A 196 18.92 -8.04 -1.24
N PRO A 197 19.98 -8.09 -2.10
CA PRO A 197 19.91 -8.80 -3.37
C PRO A 197 20.23 -10.29 -3.15
N GLY A 198 19.41 -11.13 -3.67
CA GLY A 198 19.61 -12.58 -3.54
C GLY A 198 19.00 -13.42 -4.58
N SER A 199 18.49 -14.59 -4.21
CA SER A 199 18.14 -15.63 -5.17
C SER A 199 16.85 -16.34 -4.91
N LEU A 200 16.37 -17.11 -5.84
CA LEU A 200 15.37 -18.10 -5.53
C LEU A 200 15.95 -19.02 -4.42
N THR A 201 15.07 -19.56 -3.56
CA THR A 201 15.60 -20.46 -2.48
C THR A 201 15.32 -21.90 -2.82
N VAL A 202 14.87 -22.17 -4.07
CA VAL A 202 14.77 -23.51 -4.63
C VAL A 202 15.50 -23.54 -5.93
N PRO A 203 15.99 -24.71 -6.35
CA PRO A 203 16.44 -24.82 -7.78
C PRO A 203 15.37 -24.28 -8.72
N PRO A 204 15.82 -23.46 -9.74
CA PRO A 204 17.22 -23.29 -10.15
C PRO A 204 18.12 -22.24 -9.51
N LEU A 205 17.61 -21.69 -8.35
CA LEU A 205 18.48 -20.85 -7.48
C LEU A 205 19.08 -19.61 -8.15
N LEU A 206 18.23 -19.11 -9.09
CA LEU A 206 18.67 -17.96 -9.90
C LEU A 206 18.86 -16.71 -9.06
N GLU A 207 19.89 -15.91 -9.32
CA GLU A 207 20.20 -14.75 -8.54
C GLU A 207 19.57 -13.50 -9.15
N SER A 208 18.27 -13.50 -9.08
CA SER A 208 17.43 -12.51 -9.77
C SER A 208 16.48 -11.85 -8.82
N VAL A 209 16.65 -11.99 -7.49
CA VAL A 209 15.59 -11.59 -6.56
C VAL A 209 15.99 -10.44 -5.72
N THR A 210 15.17 -9.38 -5.70
CA THR A 210 15.30 -8.35 -4.71
C THR A 210 14.39 -8.82 -3.55
N TRP A 211 15.07 -9.17 -2.42
CA TRP A 211 14.30 -9.68 -1.26
C TRP A 211 13.86 -8.53 -0.41
N ILE A 212 12.60 -8.65 0.04
CA ILE A 212 11.94 -7.62 0.94
C ILE A 212 11.35 -8.46 2.09
N VAL A 213 12.00 -8.50 3.27
CA VAL A 213 11.57 -9.36 4.36
C VAL A 213 10.94 -8.52 5.41
N LEU A 214 9.66 -8.73 5.67
CA LEU A 214 9.00 -7.88 6.68
C LEU A 214 9.44 -8.29 8.08
N LYS A 215 9.65 -7.29 8.94
CA LYS A 215 10.01 -7.61 10.31
C LYS A 215 8.90 -8.25 11.10
N GLN A 216 7.67 -7.83 10.94
CA GLN A 216 6.61 -8.29 11.90
C GLN A 216 5.96 -9.58 11.38
N PRO A 217 5.98 -10.66 12.15
N PRO A 217 5.89 -10.63 12.21
CA PRO A 217 5.25 -11.87 11.70
CA PRO A 217 5.21 -11.89 11.78
C PRO A 217 3.72 -11.71 11.74
C PRO A 217 3.71 -11.78 11.83
N ILE A 218 3.08 -12.66 11.07
CA ILE A 218 1.63 -12.92 11.16
C ILE A 218 1.43 -14.20 11.93
N ASN A 219 0.26 -14.48 12.47
N ASN A 219 0.14 -14.49 12.23
CA ASN A 219 0.17 -15.70 13.35
CA ASN A 219 -0.28 -15.66 13.05
C ASN A 219 -0.56 -16.80 12.46
C ASN A 219 -0.74 -16.90 12.30
N ILE A 220 -0.43 -18.05 12.87
CA ILE A 220 -1.11 -19.22 12.38
C ILE A 220 -1.25 -20.13 13.58
N SER A 221 -2.28 -20.99 13.61
CA SER A 221 -2.28 -21.91 14.77
C SER A 221 -1.33 -23.10 14.48
N SER A 222 -1.00 -23.86 15.53
N SER A 222 -1.01 -23.82 15.55
CA SER A 222 -0.21 -25.06 15.32
CA SER A 222 -0.21 -24.96 15.33
C SER A 222 -0.94 -26.06 14.48
C SER A 222 -0.90 -26.02 14.55
N GLN A 223 -2.24 -26.16 14.67
CA GLN A 223 -2.95 -27.12 13.94
C GLN A 223 -3.09 -26.79 12.44
N GLN A 224 -3.27 -25.50 12.15
CA GLN A 224 -3.20 -25.11 10.76
C GLN A 224 -1.86 -25.34 10.10
N LEU A 225 -0.81 -25.02 10.84
CA LEU A 225 0.54 -25.25 10.25
C LEU A 225 0.76 -26.73 9.99
N ALA A 226 0.34 -27.57 10.94
CA ALA A 226 0.60 -28.98 10.77
C ALA A 226 -0.05 -29.56 9.54
N LYS A 227 -1.14 -29.01 9.06
N LYS A 227 -1.15 -29.01 9.08
CA LYS A 227 -1.74 -29.58 7.89
CA LYS A 227 -1.80 -29.51 7.87
C LYS A 227 -0.89 -29.51 6.64
C LYS A 227 -0.89 -29.51 6.66
N PHE A 228 0.02 -28.52 6.59
CA PHE A 228 0.89 -28.41 5.40
C PHE A 228 1.84 -29.61 5.35
N ARG A 229 2.25 -30.17 6.51
CA ARG A 229 3.17 -31.35 6.55
C ARG A 229 2.54 -32.62 6.01
N SER A 230 1.21 -32.59 5.88
N SER A 230 1.25 -32.66 5.82
CA SER A 230 0.39 -33.69 5.26
CA SER A 230 0.67 -33.87 5.22
C SER A 230 0.38 -33.74 3.71
C SER A 230 0.69 -33.85 3.68
N LEU A 231 0.96 -32.71 3.04
CA LEU A 231 1.22 -32.79 1.61
C LEU A 231 2.28 -33.80 1.32
N LEU A 232 2.12 -34.44 0.16
CA LEU A 232 3.17 -35.42 -0.27
C LEU A 232 4.16 -34.71 -1.19
N CYS A 233 5.44 -35.10 -1.14
CA CYS A 233 6.44 -34.70 -2.14
C CYS A 233 6.47 -35.67 -3.35
N THR A 234 5.59 -36.65 -3.28
CA THR A 234 5.47 -37.69 -4.27
C THR A 234 4.11 -37.64 -4.97
N ALA A 235 4.14 -38.11 -6.21
CA ALA A 235 2.95 -38.11 -7.08
C ALA A 235 2.06 -39.33 -6.91
N GLU A 236 0.85 -39.26 -7.45
CA GLU A 236 -0.06 -40.43 -7.45
C GLU A 236 0.71 -41.62 -8.08
N GLY A 237 0.57 -42.79 -7.45
CA GLY A 237 1.26 -43.99 -7.96
C GLY A 237 2.71 -44.21 -7.56
N GLU A 238 3.33 -43.25 -6.86
CA GLU A 238 4.74 -43.28 -6.32
C GLU A 238 4.64 -43.68 -4.82
N ALA A 239 5.72 -44.26 -4.27
CA ALA A 239 5.70 -44.59 -2.81
C ALA A 239 5.59 -43.27 -1.96
N ALA A 240 4.62 -43.18 -1.04
CA ALA A 240 4.32 -41.88 -0.34
C ALA A 240 5.51 -41.41 0.49
N ALA A 241 5.86 -40.12 0.38
CA ALA A 241 6.70 -39.47 1.35
C ALA A 241 6.14 -38.10 1.58
N PHE A 242 6.17 -37.66 2.81
CA PHE A 242 5.54 -36.40 3.26
C PHE A 242 6.53 -35.24 3.23
N LEU A 243 5.93 -34.08 2.89
CA LEU A 243 6.67 -32.81 2.90
C LEU A 243 6.71 -32.23 4.26
N VAL A 244 7.43 -32.88 5.21
CA VAL A 244 7.32 -32.39 6.58
C VAL A 244 8.15 -31.11 6.87
N SER A 245 9.10 -30.84 5.91
CA SER A 245 10.00 -29.70 6.04
C SER A 245 10.44 -29.30 4.69
N ASN A 246 10.54 -27.98 4.43
CA ASN A 246 10.88 -27.52 3.05
C ASN A 246 11.51 -26.18 3.16
N HIS A 247 12.45 -25.98 4.04
CA HIS A 247 13.20 -24.69 4.16
C HIS A 247 14.62 -24.92 3.89
N ARG A 248 15.24 -23.99 3.16
CA ARG A 248 16.64 -24.08 2.85
C ARG A 248 17.43 -23.37 3.99
N PRO A 249 18.63 -23.93 4.37
CA PRO A 249 19.43 -23.25 5.36
C PRO A 249 19.94 -21.88 4.92
N PRO A 250 20.35 -21.03 5.84
CA PRO A 250 20.93 -19.67 5.50
C PRO A 250 22.26 -19.86 4.75
N GLN A 251 22.52 -18.94 3.84
CA GLN A 251 23.63 -18.95 2.92
C GLN A 251 24.58 -17.80 3.21
N PRO A 252 25.84 -17.93 2.82
CA PRO A 252 26.80 -16.88 3.18
C PRO A 252 26.46 -15.50 2.52
N LEU A 253 26.62 -14.45 3.33
CA LEU A 253 26.27 -13.13 2.88
C LEU A 253 27.22 -12.65 1.80
N LYS A 254 28.51 -13.07 1.84
CA LYS A 254 29.49 -12.66 0.85
C LYS A 254 29.58 -11.14 0.53
N GLY A 255 29.52 -10.38 1.60
CA GLY A 255 29.73 -8.93 1.52
C GLY A 255 28.58 -8.08 0.97
N ARG A 256 27.40 -8.70 0.76
CA ARG A 256 26.17 -7.91 0.45
C ARG A 256 25.80 -7.04 1.60
N LYS A 257 25.11 -5.95 1.29
CA LYS A 257 24.61 -5.04 2.25
C LYS A 257 23.12 -5.37 2.50
N VAL A 258 22.77 -5.60 3.73
CA VAL A 258 21.34 -5.74 4.13
C VAL A 258 20.95 -4.40 4.63
N ARG A 259 19.89 -3.86 4.07
CA ARG A 259 19.40 -2.56 4.48
C ARG A 259 18.09 -2.61 5.18
N ALA A 260 17.81 -1.65 6.03
CA ALA A 260 16.51 -1.53 6.80
C ALA A 260 15.77 -0.31 6.31
N SER A 261 14.42 -0.41 6.20
CA SER A 261 13.53 0.71 5.87
C SER A 261 13.24 1.55 7.06
N PHE A 262 13.77 1.22 8.24
CA PHE A 262 13.25 1.77 9.51
C PHE A 262 14.43 1.77 10.50
N HIS A 263 14.32 2.58 11.54
CA HIS A 263 15.36 2.56 12.65
C HIS A 263 14.71 3.12 13.86
N LEU B 5 -25.87 26.93 5.69
CA LEU B 5 -25.28 28.14 5.05
C LEU B 5 -24.98 27.90 3.55
N SER B 6 -24.62 28.97 2.86
CA SER B 6 -24.42 29.05 1.44
C SER B 6 -23.05 29.73 1.14
N TRP B 7 -22.02 29.36 1.93
CA TRP B 7 -20.62 29.70 1.55
C TRP B 7 -20.27 29.04 0.18
N GLY B 8 -19.31 29.64 -0.50
CA GLY B 8 -18.82 28.94 -1.73
C GLY B 8 -17.57 29.66 -2.13
N TYR B 9 -17.40 29.90 -3.45
CA TYR B 9 -16.14 30.51 -3.92
C TYR B 9 -16.44 31.63 -4.92
N ARG B 10 -17.70 32.03 -4.94
CA ARG B 10 -18.11 33.22 -5.81
C ARG B 10 -17.81 34.53 -5.07
N GLU B 11 -18.10 35.67 -5.75
CA GLU B 11 -17.75 36.94 -5.16
C GLU B 11 -18.29 37.19 -3.72
N HIS B 12 -19.55 36.94 -3.56
CA HIS B 12 -20.18 37.32 -2.28
C HIS B 12 -20.10 36.30 -1.20
N ASN B 13 -19.83 35.05 -1.60
CA ASN B 13 -19.80 33.92 -0.62
C ASN B 13 -18.41 33.27 -0.48
N GLY B 14 -17.43 33.85 -1.11
CA GLY B 14 -16.12 33.15 -1.24
C GLY B 14 -15.24 33.30 -0.03
N PRO B 15 -14.00 32.79 -0.07
CA PRO B 15 -13.05 32.71 1.04
C PRO B 15 -12.95 33.92 1.91
N ILE B 16 -12.92 35.11 1.32
CA ILE B 16 -12.72 36.36 2.13
C ILE B 16 -13.92 36.64 3.00
N HIS B 17 -15.05 36.04 2.71
CA HIS B 17 -16.29 36.23 3.44
C HIS B 17 -16.52 35.14 4.46
N TRP B 18 -15.73 34.03 4.49
CA TRP B 18 -16.11 32.94 5.34
C TRP B 18 -16.03 33.30 6.83
N LYS B 19 -15.12 34.23 7.15
CA LYS B 19 -14.92 34.70 8.57
C LYS B 19 -16.24 35.32 9.09
N GLU B 20 -17.19 35.71 8.22
CA GLU B 20 -18.48 36.35 8.71
C GLU B 20 -19.31 35.34 9.40
N PHE B 21 -19.23 34.07 9.08
CA PHE B 21 -19.94 33.03 9.72
C PHE B 21 -19.10 31.95 10.38
N PHE B 22 -17.77 32.02 10.15
CA PHE B 22 -16.82 31.00 10.66
C PHE B 22 -15.55 31.74 11.10
N PRO B 23 -15.61 32.43 12.29
CA PRO B 23 -14.49 33.29 12.65
C PRO B 23 -13.24 32.56 12.92
N ILE B 24 -13.30 31.20 13.04
CA ILE B 24 -12.10 30.41 13.17
C ILE B 24 -11.24 30.54 11.84
N ALA B 25 -11.82 31.13 10.77
CA ALA B 25 -11.11 31.43 9.54
C ALA B 25 -9.86 32.20 9.80
N ASP B 26 -9.88 33.06 10.89
CA ASP B 26 -8.68 33.88 11.22
C ASP B 26 -7.95 33.35 12.43
N GLY B 27 -8.08 32.06 12.70
CA GLY B 27 -7.49 31.39 13.77
C GLY B 27 -5.99 31.17 13.65
N ASP B 28 -5.45 30.47 14.61
CA ASP B 28 -4.02 30.26 14.67
C ASP B 28 -3.54 28.98 13.99
N GLN B 29 -4.49 28.04 13.63
CA GLN B 29 -4.00 26.78 13.02
C GLN B 29 -4.82 26.59 11.74
N GLN B 30 -4.91 27.58 10.85
CA GLN B 30 -5.68 27.47 9.63
C GLN B 30 -4.82 26.97 8.50
N SER B 31 -5.51 26.33 7.54
CA SER B 31 -4.89 25.81 6.35
C SER B 31 -5.63 26.32 5.14
N PRO B 32 -4.99 26.28 3.94
CA PRO B 32 -3.66 25.80 3.69
C PRO B 32 -2.58 26.85 4.12
N ILE B 33 -1.30 26.57 3.89
CA ILE B 33 -0.22 27.47 4.31
C ILE B 33 0.74 27.53 3.16
N GLU B 34 1.71 28.43 3.37
CA GLU B 34 2.93 28.52 2.53
C GLU B 34 4.02 27.75 3.32
N ILE B 35 4.75 26.93 2.55
CA ILE B 35 5.85 26.17 3.10
C ILE B 35 7.16 26.85 2.62
N LYS B 36 7.92 27.37 3.58
CA LYS B 36 9.22 27.95 3.31
C LYS B 36 10.28 26.86 3.64
N THR B 37 10.75 26.19 2.61
CA THR B 37 11.62 25.01 2.87
C THR B 37 12.93 25.32 3.60
N LYS B 38 13.46 26.56 3.53
CA LYS B 38 14.67 26.87 4.28
C LYS B 38 14.40 26.80 5.80
N GLU B 39 13.14 27.00 6.26
CA GLU B 39 12.84 26.91 7.67
C GLU B 39 12.22 25.59 8.12
N VAL B 40 12.20 24.59 7.26
CA VAL B 40 11.65 23.32 7.67
C VAL B 40 12.78 22.47 8.16
N LYS B 41 12.49 21.78 9.23
CA LYS B 41 13.47 20.81 9.74
C LYS B 41 13.04 19.37 9.54
N TYR B 42 13.98 18.57 9.06
CA TYR B 42 13.87 17.12 9.02
C TYR B 42 13.62 16.65 10.44
N ASP B 43 12.66 15.77 10.65
CA ASP B 43 12.40 15.11 11.94
C ASP B 43 12.58 13.63 11.83
N SER B 44 13.71 13.15 12.41
CA SER B 44 14.00 11.71 12.39
C SER B 44 13.08 10.87 13.20
N SER B 45 12.23 11.48 14.08
CA SER B 45 11.25 10.77 14.91
C SER B 45 9.99 10.38 14.13
N LEU B 46 9.78 10.96 12.98
CA LEU B 46 8.69 10.46 12.12
C LEU B 46 8.84 9.02 11.70
N ARG B 47 7.78 8.25 11.81
CA ARG B 47 7.87 6.84 11.41
C ARG B 47 7.58 6.66 9.94
N PRO B 48 7.98 5.53 9.36
CA PRO B 48 7.59 5.35 7.95
C PRO B 48 6.09 5.55 7.81
N LEU B 49 5.68 6.16 6.68
CA LEU B 49 4.26 6.20 6.31
C LEU B 49 3.75 4.87 5.86
N SER B 50 2.53 4.53 6.20
CA SER B 50 1.95 3.26 5.86
C SER B 50 0.62 3.52 5.20
N ILE B 51 0.48 3.07 3.95
CA ILE B 51 -0.78 3.34 3.25
C ILE B 51 -1.33 2.00 2.78
N LYS B 52 -2.39 1.52 3.40
CA LYS B 52 -3.03 0.27 3.07
C LYS B 52 -4.39 0.66 2.51
N TYR B 53 -4.55 0.58 1.20
N TYR B 53 -4.55 0.40 1.21
CA TYR B 53 -5.84 0.98 0.57
CA TYR B 53 -5.72 0.88 0.48
C TYR B 53 -6.42 -0.18 -0.18
C TYR B 53 -6.43 -0.23 -0.25
N ASP B 54 -7.73 -0.39 -0.02
CA ASP B 54 -8.52 -1.42 -0.70
C ASP B 54 -9.46 -0.77 -1.71
N PRO B 55 -9.31 -1.09 -3.01
CA PRO B 55 -10.19 -0.44 -4.02
C PRO B 55 -11.66 -0.71 -3.74
N SER B 56 -12.06 -1.75 -3.05
CA SER B 56 -13.47 -1.98 -2.78
C SER B 56 -14.06 -1.06 -1.77
N SER B 57 -13.20 -0.29 -1.07
CA SER B 57 -13.70 0.60 -0.03
C SER B 57 -14.45 1.83 -0.66
N ALA B 58 -14.17 2.17 -1.88
CA ALA B 58 -14.84 3.32 -2.50
C ALA B 58 -16.32 2.93 -2.77
N LYS B 59 -17.22 3.85 -2.51
CA LYS B 59 -18.68 3.58 -2.66
C LYS B 59 -19.36 4.47 -3.71
N ILE B 60 -19.25 5.79 -3.58
N ILE B 60 -19.17 5.78 -3.61
CA ILE B 60 -19.97 6.70 -4.46
CA ILE B 60 -20.03 6.76 -4.28
C ILE B 60 -19.13 7.92 -4.74
C ILE B 60 -19.17 7.95 -4.69
N ILE B 61 -19.43 8.57 -5.85
CA ILE B 61 -18.87 9.89 -6.18
C ILE B 61 -20.06 10.86 -6.28
N SER B 62 -19.93 12.04 -5.75
CA SER B 62 -21.01 13.01 -5.79
C SER B 62 -20.46 14.39 -6.05
N ASN B 63 -21.35 15.30 -6.41
CA ASN B 63 -21.01 16.74 -6.52
C ASN B 63 -21.53 17.40 -5.25
N SER B 64 -20.70 17.88 -4.37
CA SER B 64 -21.14 18.49 -3.13
C SER B 64 -21.46 19.94 -3.36
N GLY B 65 -21.23 20.43 -4.58
CA GLY B 65 -21.32 21.91 -4.87
C GLY B 65 -20.04 22.63 -4.69
N HIS B 66 -19.04 21.98 -4.04
CA HIS B 66 -17.78 22.62 -3.74
C HIS B 66 -16.58 21.84 -4.33
N SER B 67 -16.85 20.60 -4.78
CA SER B 67 -15.90 19.76 -5.46
C SER B 67 -16.65 18.47 -5.81
N PHE B 68 -15.92 17.51 -6.39
CA PHE B 68 -16.48 16.13 -6.32
C PHE B 68 -16.02 15.57 -5.02
N ASN B 69 -16.79 14.62 -4.53
CA ASN B 69 -16.40 13.85 -3.28
C ASN B 69 -16.50 12.40 -3.61
N VAL B 70 -15.43 11.61 -3.52
CA VAL B 70 -15.47 10.13 -3.49
C VAL B 70 -15.59 9.70 -2.07
N ASP B 71 -16.65 9.03 -1.66
CA ASP B 71 -16.85 8.60 -0.27
C ASP B 71 -16.59 7.10 -0.17
N PHE B 72 -15.95 6.77 0.97
CA PHE B 72 -15.47 5.38 1.24
C PHE B 72 -16.15 4.87 2.48
N ASP B 73 -16.45 3.57 2.28
N ASP B 73 -16.03 3.54 2.76
CA ASP B 73 -17.01 2.82 3.37
CA ASP B 73 -16.69 2.85 3.93
C ASP B 73 -15.93 2.88 4.40
C ASP B 73 -16.39 3.51 5.30
N ASP B 74 -16.28 3.51 5.48
N ASP B 74 -17.43 3.75 6.09
CA ASP B 74 -15.37 3.67 6.58
CA ASP B 74 -17.30 4.39 7.39
C ASP B 74 -15.82 2.95 7.89
C ASP B 74 -16.86 3.53 8.56
N THR B 75 -16.45 1.79 7.89
N THR B 75 -16.76 2.23 8.21
CA THR B 75 -16.83 1.20 9.21
CA THR B 75 -16.96 1.03 9.01
C THR B 75 -15.89 0.04 9.41
C THR B 75 -15.81 0.00 9.26
N GLU B 76 -14.94 0.07 8.51
N GLU B 76 -14.91 -0.32 8.33
CA GLU B 76 -14.03 -0.99 8.30
CA GLU B 76 -13.78 -1.19 8.63
C GLU B 76 -12.52 -0.51 8.28
C GLU B 76 -12.51 -0.51 8.40
N ASN B 77 -11.46 -1.25 8.72
CA ASN B 77 -10.07 -0.86 8.60
C ASN B 77 -9.37 -1.43 7.36
N LYS B 78 -10.14 -1.60 6.26
N LYS B 78 -10.14 -1.61 6.26
CA LYS B 78 -9.46 -2.09 5.05
CA LYS B 78 -9.52 -2.06 5.03
C LYS B 78 -8.62 -1.04 4.33
C LYS B 78 -8.58 -1.02 4.41
N SER B 79 -9.01 0.27 4.48
CA SER B 79 -8.25 1.37 3.93
C SER B 79 -7.87 2.32 5.01
N VAL B 80 -6.62 2.34 5.38
CA VAL B 80 -6.12 3.11 6.55
C VAL B 80 -4.77 3.72 6.29
N LEU B 81 -4.51 4.84 6.95
CA LEU B 81 -3.27 5.54 6.92
C LEU B 81 -2.67 5.50 8.34
N ARG B 82 -1.39 5.07 8.40
CA ARG B 82 -0.71 4.95 9.71
C ARG B 82 0.67 5.45 9.49
N GLY B 83 1.41 5.60 10.59
CA GLY B 83 2.79 5.96 10.59
C GLY B 83 2.97 7.44 10.30
N GLY B 84 4.13 7.81 9.80
CA GLY B 84 4.49 9.22 9.68
C GLY B 84 4.38 9.96 11.03
N PRO B 85 3.62 11.08 11.09
CA PRO B 85 3.43 11.80 12.35
C PRO B 85 2.28 11.25 13.24
N LEU B 86 1.62 10.21 12.80
CA LEU B 86 0.36 9.79 13.35
C LEU B 86 0.50 8.80 14.47
N THR B 87 -0.34 8.97 15.47
CA THR B 87 -0.51 7.90 16.50
C THR B 87 -1.81 7.18 16.24
N GLY B 88 -1.74 5.86 16.03
CA GLY B 88 -2.91 5.05 15.74
C GLY B 88 -3.29 5.03 14.28
N SER B 89 -4.48 4.51 14.06
CA SER B 89 -4.95 4.22 12.71
C SER B 89 -6.05 5.22 12.29
N TYR B 90 -5.78 5.78 11.08
CA TYR B 90 -6.72 6.80 10.54
C TYR B 90 -7.43 6.22 9.32
N ARG B 91 -8.72 6.15 9.38
CA ARG B 91 -9.54 5.45 8.39
C ARG B 91 -9.83 6.34 7.18
N LEU B 92 -9.67 5.81 5.99
CA LEU B 92 -9.96 6.61 4.76
C LEU B 92 -11.45 6.95 4.71
N ARG B 93 -11.83 8.20 4.47
CA ARG B 93 -13.20 8.62 4.38
C ARG B 93 -13.56 9.28 3.04
N GLN B 94 -12.73 10.19 2.55
N GLN B 94 -12.73 10.14 2.50
CA GLN B 94 -13.13 11.08 1.43
CA GLN B 94 -13.20 10.85 1.29
C GLN B 94 -11.92 11.38 0.53
C GLN B 94 -12.01 11.39 0.56
N VAL B 95 -12.16 11.54 -0.76
CA VAL B 95 -11.18 12.19 -1.64
C VAL B 95 -11.90 13.32 -2.41
N HIS B 96 -11.24 14.47 -2.54
CA HIS B 96 -11.80 15.56 -3.36
C HIS B 96 -10.60 16.32 -3.91
N LEU B 97 -10.94 17.34 -4.74
CA LEU B 97 -9.92 18.09 -5.50
C LEU B 97 -10.23 19.56 -5.50
N HIS B 98 -9.13 20.34 -5.44
CA HIS B 98 -9.24 21.82 -5.56
C HIS B 98 -8.46 22.27 -6.81
N TRP B 99 -8.99 23.29 -7.48
CA TRP B 99 -8.39 23.82 -8.73
C TRP B 99 -8.71 25.31 -8.74
N GLY B 100 -8.14 25.96 -9.78
CA GLY B 100 -8.37 27.44 -10.03
C GLY B 100 -9.01 27.59 -11.38
N SER B 101 -9.33 28.87 -11.69
CA SER B 101 -9.96 29.12 -13.00
C SER B 101 -9.00 29.06 -14.16
N ALA B 102 -7.72 29.04 -13.94
CA ALA B 102 -6.82 28.77 -15.03
C ALA B 102 -5.69 27.85 -14.57
N ASP B 103 -4.95 27.29 -15.50
CA ASP B 103 -3.92 26.29 -15.16
C ASP B 103 -2.78 26.75 -14.35
N ASP B 104 -2.52 28.03 -14.32
CA ASP B 104 -1.27 28.54 -13.67
C ASP B 104 -1.33 28.56 -12.15
N HIS B 105 -2.51 28.39 -11.57
CA HIS B 105 -2.57 28.27 -10.09
C HIS B 105 -3.87 27.64 -9.74
N GLY B 106 -4.02 27.24 -8.50
CA GLY B 106 -5.20 26.46 -8.16
C GLY B 106 -4.86 25.53 -6.97
N SER B 107 -3.61 25.21 -6.71
CA SER B 107 -3.37 24.44 -5.52
C SER B 107 -3.64 25.32 -4.30
N GLU B 108 -3.79 24.65 -3.15
CA GLU B 108 -4.03 25.32 -1.81
C GLU B 108 -2.77 25.58 -1.12
N HIS B 109 -1.95 24.57 -0.85
CA HIS B 109 -0.57 24.77 -0.33
C HIS B 109 0.29 25.29 -1.45
N ILE B 110 1.23 26.16 -1.00
CA ILE B 110 2.21 26.81 -1.94
C ILE B 110 3.59 26.67 -1.34
N VAL B 111 4.53 26.11 -2.16
CA VAL B 111 5.84 25.72 -1.57
C VAL B 111 6.87 26.63 -2.20
N ASP B 112 7.51 27.41 -1.37
CA ASP B 112 8.54 28.43 -1.85
C ASP B 112 7.98 29.21 -3.04
N GLY B 113 6.73 29.62 -2.89
CA GLY B 113 6.07 30.48 -3.90
C GLY B 113 5.58 29.71 -5.09
N VAL B 114 5.76 28.41 -5.24
CA VAL B 114 5.25 27.67 -6.39
C VAL B 114 3.85 27.18 -6.19
N SER B 115 2.95 27.59 -7.07
N SER B 115 2.96 27.59 -7.08
CA SER B 115 1.63 27.02 -7.12
CA SER B 115 1.56 27.07 -7.15
C SER B 115 1.67 25.90 -8.15
C SER B 115 1.37 26.10 -8.32
N TYR B 116 0.68 25.05 -7.98
CA TYR B 116 0.37 24.01 -8.98
C TYR B 116 -0.96 24.23 -9.48
N ALA B 117 -1.37 23.49 -10.50
CA ALA B 117 -2.67 23.65 -11.05
C ALA B 117 -3.86 23.17 -10.19
N ALA B 118 -3.60 22.20 -9.32
CA ALA B 118 -4.69 21.60 -8.56
C ALA B 118 -4.04 20.87 -7.39
N GLU B 119 -4.93 20.46 -6.45
CA GLU B 119 -4.43 19.75 -5.25
C GLU B 119 -5.53 18.76 -4.81
N LEU B 120 -5.12 17.51 -4.67
CA LEU B 120 -6.04 16.43 -4.16
C LEU B 120 -5.87 16.31 -2.67
N HIS B 121 -7.02 16.15 -2.04
CA HIS B 121 -7.07 15.89 -0.59
C HIS B 121 -7.66 14.53 -0.33
N VAL B 122 -6.93 13.77 0.53
CA VAL B 122 -7.31 12.40 0.92
C VAL B 122 -7.55 12.42 2.45
N VAL B 123 -8.83 12.40 2.87
CA VAL B 123 -9.24 12.67 4.25
C VAL B 123 -9.44 11.36 5.01
N HIS B 124 -8.83 11.29 6.18
CA HIS B 124 -8.91 10.12 7.06
C HIS B 124 -9.26 10.60 8.43
N TRP B 125 -9.80 9.68 9.26
CA TRP B 125 -10.17 10.06 10.66
C TRP B 125 -9.79 8.98 11.67
N ASN B 126 -9.52 9.48 12.89
CA ASN B 126 -8.99 8.59 13.96
C ASN B 126 -10.11 7.74 14.62
N SER B 127 -10.24 6.56 14.05
CA SER B 127 -11.26 5.60 14.53
C SER B 127 -10.73 4.82 15.70
N ASP B 128 -9.50 4.97 16.10
CA ASP B 128 -9.00 4.36 17.37
C ASP B 128 -9.54 5.14 18.52
N LYS B 129 -9.89 6.40 18.36
CA LYS B 129 -10.36 7.24 19.50
C LYS B 129 -11.74 7.68 19.37
N TYR B 130 -12.24 7.91 18.16
CA TYR B 130 -13.51 8.65 18.01
C TYR B 130 -14.55 7.77 17.28
N PRO B 131 -15.83 8.03 17.47
CA PRO B 131 -16.87 7.11 16.98
C PRO B 131 -17.26 7.31 15.58
N SER B 132 -16.88 8.46 14.98
CA SER B 132 -17.35 8.82 13.63
C SER B 132 -16.42 9.91 13.12
N PHE B 133 -16.44 10.03 11.79
CA PHE B 133 -15.73 11.11 11.15
C PHE B 133 -16.19 12.51 11.65
N VAL B 134 -17.53 12.62 11.84
CA VAL B 134 -18.08 13.85 12.28
C VAL B 134 -17.60 14.27 13.67
N GLU B 135 -17.58 13.29 14.56
N GLU B 135 -17.47 13.35 14.64
CA GLU B 135 -17.00 13.58 15.82
CA GLU B 135 -16.87 13.65 15.96
C GLU B 135 -15.56 13.97 15.67
C GLU B 135 -15.32 13.89 15.95
N ALA B 136 -14.68 13.12 15.07
CA ALA B 136 -13.25 13.27 14.96
C ALA B 136 -12.84 14.68 14.37
N ALA B 137 -13.71 15.19 13.53
CA ALA B 137 -13.41 16.47 12.93
C ALA B 137 -13.43 17.61 13.93
N HIS B 138 -13.85 17.38 15.19
CA HIS B 138 -13.85 18.37 16.22
C HIS B 138 -12.77 18.16 17.25
N GLU B 139 -11.74 17.32 16.95
CA GLU B 139 -10.68 17.05 17.90
C GLU B 139 -9.35 17.29 17.33
N PRO B 140 -8.35 17.78 18.03
CA PRO B 140 -7.07 18.18 17.41
C PRO B 140 -6.33 17.06 16.71
N ASP B 141 -6.45 15.88 17.25
CA ASP B 141 -5.85 14.65 16.73
C ASP B 141 -6.90 13.84 15.90
N GLY B 142 -7.97 14.48 15.46
CA GLY B 142 -9.05 13.68 14.88
C GLY B 142 -8.83 13.29 13.40
N LEU B 143 -8.26 14.21 12.58
CA LEU B 143 -8.19 14.01 11.11
C LEU B 143 -6.76 13.94 10.66
N ALA B 144 -6.52 13.20 9.58
CA ALA B 144 -5.19 13.21 8.88
C ALA B 144 -5.51 13.32 7.41
N VAL B 145 -4.88 14.27 6.76
CA VAL B 145 -5.20 14.56 5.33
C VAL B 145 -3.95 14.54 4.53
N LEU B 146 -3.93 13.73 3.47
CA LEU B 146 -2.83 13.81 2.47
C LEU B 146 -3.15 14.85 1.44
N GLY B 147 -2.19 15.71 1.14
CA GLY B 147 -2.30 16.70 0.07
C GLY B 147 -1.38 16.22 -1.05
N VAL B 148 -1.88 16.18 -2.28
CA VAL B 148 -1.07 15.78 -3.45
C VAL B 148 -1.25 16.90 -4.49
N PHE B 149 -0.08 17.46 -4.92
CA PHE B 149 -0.15 18.48 -5.98
C PHE B 149 -0.31 17.87 -7.32
N LEU B 150 -1.04 18.61 -8.16
CA LEU B 150 -1.17 18.23 -9.58
C LEU B 150 -0.59 19.37 -10.41
N GLN B 151 0.41 19.00 -11.20
CA GLN B 151 1.05 19.90 -12.15
C GLN B 151 0.56 19.66 -13.55
N ILE B 152 0.46 20.68 -14.36
CA ILE B 152 0.15 20.44 -15.80
C ILE B 152 1.23 19.61 -16.42
N GLY B 153 0.81 18.53 -17.06
CA GLY B 153 1.78 17.58 -17.67
C GLY B 153 0.93 16.74 -18.63
N GLU B 154 1.59 15.74 -19.09
CA GLU B 154 0.91 14.77 -19.99
C GLU B 154 -0.23 14.10 -19.24
N PRO B 155 -1.31 13.67 -19.93
CA PRO B 155 -2.51 13.26 -19.18
C PRO B 155 -2.24 12.06 -18.26
N ASN B 156 -3.00 12.03 -17.20
CA ASN B 156 -2.84 11.01 -16.19
C ASN B 156 -3.95 9.99 -16.26
N SER B 157 -3.56 8.77 -16.67
CA SER B 157 -4.64 7.72 -16.80
C SER B 157 -5.32 7.33 -15.52
N GLN B 158 -4.67 7.65 -14.38
CA GLN B 158 -5.32 7.36 -13.10
C GLN B 158 -6.42 8.30 -12.75
N LEU B 159 -6.64 9.37 -13.53
CA LEU B 159 -7.79 10.22 -13.31
C LEU B 159 -9.01 9.77 -14.13
N GLN B 160 -8.90 8.72 -14.99
CA GLN B 160 -10.03 8.43 -15.86
C GLN B 160 -11.27 7.97 -15.14
N LYS B 161 -11.15 7.09 -14.14
CA LYS B 161 -12.39 6.66 -13.47
C LYS B 161 -13.18 7.88 -12.92
N ILE B 162 -12.45 8.87 -12.35
CA ILE B 162 -13.11 10.10 -11.94
C ILE B 162 -13.70 10.91 -13.13
N THR B 163 -12.87 11.24 -14.08
CA THR B 163 -13.31 12.17 -15.14
C THR B 163 -14.50 11.59 -15.94
N ASP B 164 -14.56 10.27 -16.10
CA ASP B 164 -15.64 9.59 -16.81
C ASP B 164 -16.96 9.78 -16.15
N THR B 165 -17.00 10.11 -14.84
CA THR B 165 -18.25 10.31 -14.11
C THR B 165 -18.75 11.73 -14.08
N LEU B 166 -17.97 12.70 -14.54
CA LEU B 166 -18.32 14.07 -14.25
C LEU B 166 -19.61 14.55 -14.90
N ASP B 167 -19.87 14.06 -16.12
CA ASP B 167 -21.15 14.48 -16.72
C ASP B 167 -22.36 13.99 -15.90
N SER B 168 -22.25 12.80 -15.26
CA SER B 168 -23.33 12.29 -14.46
C SER B 168 -23.54 12.99 -13.16
N ILE B 169 -22.55 13.79 -12.75
CA ILE B 169 -22.69 14.52 -11.48
C ILE B 169 -22.54 16.04 -11.70
N LYS B 170 -23.03 16.54 -12.85
CA LYS B 170 -22.84 17.93 -13.15
C LYS B 170 -23.50 18.82 -12.17
N GLU B 171 -24.72 18.50 -11.72
CA GLU B 171 -25.40 19.40 -10.79
C GLU B 171 -25.07 19.03 -9.35
N LYS B 172 -25.07 20.04 -8.48
CA LYS B 172 -24.92 19.82 -7.05
C LYS B 172 -25.94 18.84 -6.58
N GLY B 173 -25.50 17.88 -5.78
CA GLY B 173 -26.37 16.84 -5.16
C GLY B 173 -26.48 15.60 -5.93
N LYS B 174 -26.01 15.58 -7.17
CA LYS B 174 -26.03 14.30 -7.93
C LYS B 174 -24.98 13.35 -7.41
N GLN B 175 -25.25 12.04 -7.50
CA GLN B 175 -24.25 11.04 -7.16
C GLN B 175 -24.34 9.87 -8.06
N THR B 176 -23.31 9.05 -8.03
N THR B 176 -23.25 9.11 -8.18
CA THR B 176 -23.29 7.87 -8.82
CA THR B 176 -23.21 7.85 -8.95
C THR B 176 -22.45 6.81 -8.10
C THR B 176 -22.35 6.81 -8.28
N ARG B 177 -22.73 5.54 -8.39
CA ARG B 177 -21.96 4.44 -7.77
C ARG B 177 -20.51 4.57 -8.27
N PHE B 178 -19.57 4.29 -7.34
CA PHE B 178 -18.17 4.48 -7.70
C PHE B 178 -17.35 3.53 -6.83
N THR B 179 -17.03 2.33 -7.32
CA THR B 179 -16.29 1.39 -6.50
C THR B 179 -15.16 0.84 -7.31
N ASN B 180 -14.37 0.01 -6.66
CA ASN B 180 -13.17 -0.51 -7.35
C ASN B 180 -12.25 0.55 -7.85
N PHE B 181 -12.01 1.53 -6.91
CA PHE B 181 -11.20 2.65 -7.26
C PHE B 181 -9.73 2.50 -6.82
N ASP B 182 -8.76 2.59 -7.69
CA ASP B 182 -7.33 2.38 -7.24
C ASP B 182 -6.82 3.78 -6.86
N LEU B 183 -7.01 4.13 -5.60
CA LEU B 183 -6.52 5.42 -5.09
C LEU B 183 -5.01 5.41 -4.92
N LEU B 184 -4.46 4.25 -4.52
CA LEU B 184 -3.04 4.12 -4.25
C LEU B 184 -2.24 4.55 -5.44
N SER B 185 -2.72 4.16 -6.68
CA SER B 185 -1.98 4.52 -7.85
C SER B 185 -2.10 5.96 -8.29
N LEU B 186 -2.99 6.72 -7.69
CA LEU B 186 -3.07 8.09 -7.98
C LEU B 186 -2.00 8.86 -7.25
N LEU B 187 -1.37 8.35 -6.17
CA LEU B 187 -0.28 8.96 -5.44
C LEU B 187 1.02 8.92 -6.23
N PRO B 188 1.90 9.90 -6.03
CA PRO B 188 3.15 9.92 -6.74
C PRO B 188 4.02 8.77 -6.21
N PRO B 189 5.09 8.44 -6.95
CA PRO B 189 5.99 7.36 -6.46
C PRO B 189 6.71 7.69 -5.17
N SER B 190 7.19 8.92 -4.99
CA SER B 190 7.83 9.27 -3.73
C SER B 190 6.76 9.82 -2.80
N TRP B 191 6.78 9.34 -1.52
CA TRP B 191 5.86 9.88 -0.50
C TRP B 191 6.57 10.73 0.51
N ASP B 192 7.69 11.31 0.12
CA ASP B 192 8.29 12.30 0.98
C ASP B 192 7.32 13.46 1.22
N TYR B 193 7.25 14.01 2.43
CA TYR B 193 6.19 14.95 2.76
C TYR B 193 6.67 15.95 3.79
N TRP B 194 5.86 17.03 3.86
CA TRP B 194 5.87 18.01 4.99
C TRP B 194 4.64 17.76 5.86
N THR B 195 4.77 18.02 7.15
CA THR B 195 3.66 17.80 8.05
C THR B 195 3.53 18.95 9.02
N TYR B 196 2.31 19.34 9.35
CA TYR B 196 2.08 20.50 10.25
C TYR B 196 0.63 20.35 10.76
N PRO B 197 0.28 20.99 11.87
CA PRO B 197 -1.11 20.97 12.42
C PRO B 197 -1.88 22.07 11.80
N GLY B 198 -3.05 21.77 11.22
CA GLY B 198 -3.90 22.75 10.63
C GLY B 198 -5.39 22.39 10.63
N SER B 199 -6.04 22.77 9.56
CA SER B 199 -7.49 22.79 9.55
C SER B 199 -8.14 22.24 8.32
N LEU B 200 -9.48 22.03 8.34
CA LEU B 200 -10.22 21.89 7.10
C LEU B 200 -9.96 23.18 6.31
N THR B 201 -9.97 23.06 4.96
CA THR B 201 -9.81 24.28 4.08
C THR B 201 -11.14 24.81 3.56
N VAL B 202 -12.26 24.20 4.04
CA VAL B 202 -13.57 24.71 3.77
C VAL B 202 -14.27 24.87 5.07
N PRO B 203 -15.24 25.78 5.13
CA PRO B 203 -16.16 25.78 6.31
C PRO B 203 -16.62 24.38 6.63
N PRO B 204 -16.57 23.99 7.94
CA PRO B 204 -16.41 24.84 9.11
C PRO B 204 -14.98 25.13 9.57
N LEU B 205 -13.97 24.81 8.75
CA LEU B 205 -12.62 25.32 9.00
C LEU B 205 -12.02 24.80 10.33
N LEU B 206 -12.49 23.61 10.73
CA LEU B 206 -12.11 23.05 12.08
C LEU B 206 -10.63 22.77 12.20
N GLU B 207 -10.03 23.08 13.31
CA GLU B 207 -8.61 22.89 13.52
C GLU B 207 -8.34 21.51 14.11
N SER B 208 -8.48 20.51 13.23
CA SER B 208 -8.48 19.12 13.65
C SER B 208 -7.58 18.26 12.72
N VAL B 209 -6.80 18.95 11.86
CA VAL B 209 -6.12 18.16 10.80
C VAL B 209 -4.65 18.10 11.01
N THR B 210 -4.11 16.87 11.00
CA THR B 210 -2.68 16.71 10.82
C THR B 210 -2.46 16.58 9.27
N TRP B 211 -1.84 17.60 8.74
CA TRP B 211 -1.58 17.69 7.27
C TRP B 211 -0.33 16.92 6.94
N ILE B 212 -0.40 16.19 5.83
CA ILE B 212 0.72 15.42 5.29
C ILE B 212 0.77 15.77 3.82
N VAL B 213 1.60 16.75 3.48
CA VAL B 213 1.61 17.32 2.11
C VAL B 213 2.78 16.73 1.33
N LEU B 214 2.49 15.95 0.32
CA LEU B 214 3.56 15.26 -0.45
C LEU B 214 4.29 16.22 -1.32
N LYS B 215 5.62 16.08 -1.33
CA LYS B 215 6.49 16.97 -2.11
C LYS B 215 6.34 16.74 -3.63
N GLN B 216 6.22 15.48 -4.09
CA GLN B 216 6.25 15.21 -5.49
C GLN B 216 4.88 15.35 -6.11
N PRO B 217 4.72 16.18 -7.16
CA PRO B 217 3.41 16.32 -7.79
C PRO B 217 3.09 15.15 -8.68
N ILE B 218 1.82 14.99 -9.04
CA ILE B 218 1.40 14.09 -10.15
C ILE B 218 1.02 14.98 -11.29
N ASN B 219 0.81 14.40 -12.49
CA ASN B 219 0.44 15.18 -13.67
C ASN B 219 -1.05 15.24 -13.85
N ILE B 220 -1.53 16.26 -14.57
CA ILE B 220 -2.85 16.31 -15.14
C ILE B 220 -2.70 17.13 -16.41
N SER B 221 -3.41 16.75 -17.46
CA SER B 221 -3.38 17.54 -18.68
C SER B 221 -4.37 18.70 -18.59
N SER B 222 -4.25 19.85 -19.32
N SER B 222 -4.01 19.68 -19.41
CA SER B 222 -5.28 20.91 -19.26
CA SER B 222 -4.86 20.85 -19.59
C SER B 222 -6.64 20.40 -19.72
C SER B 222 -6.33 20.46 -19.76
N GLN B 223 -6.62 19.54 -20.72
CA GLN B 223 -7.92 19.06 -21.13
C GLN B 223 -8.59 18.26 -20.00
N GLN B 224 -7.79 17.48 -19.22
CA GLN B 224 -8.46 16.79 -18.07
C GLN B 224 -8.91 17.80 -17.03
N LEU B 225 -8.03 18.77 -16.70
CA LEU B 225 -8.39 19.70 -15.62
C LEU B 225 -9.64 20.52 -15.98
N ALA B 226 -9.79 20.95 -17.27
CA ALA B 226 -10.89 21.72 -17.66
C ALA B 226 -12.22 21.04 -17.40
N LYS B 227 -12.28 19.72 -17.42
CA LYS B 227 -13.54 19.00 -17.21
C LYS B 227 -14.03 19.26 -15.80
N PHE B 228 -13.14 19.40 -14.82
CA PHE B 228 -13.64 19.70 -13.44
C PHE B 228 -14.34 21.03 -13.34
N ARG B 229 -13.86 22.02 -14.17
CA ARG B 229 -14.47 23.35 -14.15
C ARG B 229 -15.81 23.37 -14.78
N SER B 230 -16.26 22.30 -15.42
CA SER B 230 -17.61 22.18 -15.98
C SER B 230 -18.66 21.66 -14.98
N LEU B 231 -18.23 21.22 -13.78
CA LEU B 231 -19.13 20.98 -12.68
C LEU B 231 -19.87 22.23 -12.30
N LEU B 232 -21.12 22.10 -11.85
CA LEU B 232 -21.83 23.26 -11.26
C LEU B 232 -21.74 23.35 -9.77
N CYS B 233 -21.81 24.54 -9.21
CA CYS B 233 -21.97 24.72 -7.76
C CYS B 233 -23.43 24.89 -7.37
N THR B 234 -24.28 24.70 -8.34
CA THR B 234 -25.74 24.83 -8.16
C THR B 234 -26.43 23.53 -8.45
N ALA B 235 -27.59 23.38 -7.81
CA ALA B 235 -28.43 22.18 -7.92
C ALA B 235 -29.36 22.25 -9.16
N GLU B 236 -29.98 21.11 -9.50
CA GLU B 236 -31.04 21.09 -10.55
C GLU B 236 -32.13 22.09 -10.21
N GLY B 237 -32.56 22.82 -11.23
CA GLY B 237 -33.62 23.82 -11.03
C GLY B 237 -33.20 25.14 -10.39
N GLU B 238 -31.89 25.34 -10.14
CA GLU B 238 -31.38 26.60 -9.53
C GLU B 238 -30.59 27.28 -10.69
N ALA B 239 -30.46 28.61 -10.73
CA ALA B 239 -29.77 29.22 -11.92
C ALA B 239 -28.31 28.76 -11.94
N ALA B 240 -27.88 28.27 -13.09
CA ALA B 240 -26.59 27.56 -13.19
C ALA B 240 -25.46 28.52 -12.91
N ALA B 241 -24.45 28.01 -12.15
CA ALA B 241 -23.17 28.71 -12.04
C ALA B 241 -22.09 27.59 -11.97
N PHE B 242 -20.99 27.79 -12.60
CA PHE B 242 -19.92 26.86 -12.72
C PHE B 242 -18.96 26.94 -11.57
N LEU B 243 -18.48 25.72 -11.17
CA LEU B 243 -17.44 25.63 -10.12
C LEU B 243 -16.08 25.78 -10.81
N VAL B 244 -15.75 27.01 -11.27
CA VAL B 244 -14.54 27.18 -12.04
C VAL B 244 -13.29 27.25 -11.19
N SER B 245 -13.51 27.57 -9.90
CA SER B 245 -12.38 27.75 -9.01
C SER B 245 -12.91 27.34 -7.59
N ASN B 246 -12.10 26.59 -6.86
CA ASN B 246 -12.58 26.15 -5.50
C ASN B 246 -11.39 25.98 -4.58
N HIS B 247 -10.45 26.89 -4.51
CA HIS B 247 -9.30 26.79 -3.65
C HIS B 247 -9.23 27.94 -2.70
N ARG B 248 -8.86 27.67 -1.49
CA ARG B 248 -8.69 28.73 -0.43
C ARG B 248 -7.20 29.18 -0.49
N PRO B 249 -6.92 30.51 -0.34
CA PRO B 249 -5.50 30.94 -0.26
C PRO B 249 -4.82 30.50 1.02
N PRO B 250 -3.50 30.38 1.03
CA PRO B 250 -2.77 30.06 2.23
C PRO B 250 -3.06 31.14 3.31
N GLN B 251 -3.02 30.66 4.54
CA GLN B 251 -3.19 31.49 5.75
C GLN B 251 -1.87 31.51 6.49
N PRO B 252 -1.72 32.50 7.41
CA PRO B 252 -0.43 32.61 8.08
C PRO B 252 -0.13 31.50 9.04
N LEU B 253 1.16 31.20 9.18
CA LEU B 253 1.58 30.19 10.08
C LEU B 253 1.32 30.46 11.53
N LYS B 254 1.45 31.76 11.89
CA LYS B 254 1.16 32.12 13.32
C LYS B 254 1.97 31.36 14.34
N GLY B 255 3.21 31.10 14.01
CA GLY B 255 4.10 30.46 15.01
C GLY B 255 4.32 28.96 14.82
N ARG B 256 3.48 28.33 13.95
CA ARG B 256 3.61 26.89 13.75
C ARG B 256 4.84 26.59 12.93
N LYS B 257 5.36 25.42 13.17
CA LYS B 257 6.54 24.99 12.40
C LYS B 257 6.14 23.80 11.53
N VAL B 258 6.72 23.78 10.36
CA VAL B 258 6.52 22.65 9.46
C VAL B 258 7.65 21.65 9.53
N ARG B 259 7.38 20.37 9.58
CA ARG B 259 8.47 19.34 9.68
C ARG B 259 8.55 18.59 8.38
N ALA B 260 9.71 18.10 7.99
CA ALA B 260 9.94 17.32 6.78
C ALA B 260 10.25 15.88 7.13
N SER B 261 9.76 14.96 6.31
CA SER B 261 10.02 13.54 6.49
C SER B 261 11.39 13.11 5.93
N PHE B 262 12.09 14.06 5.26
CA PHE B 262 13.20 13.73 4.35
C PHE B 262 14.28 14.78 4.61
N HIS B 263 15.53 14.39 4.33
CA HIS B 263 16.68 15.20 4.74
C HIS B 263 16.70 16.33 3.79
ZN ZN C . 10.19 -19.57 -1.39
C1 CIT D . 13.53 -30.10 10.19
O1 CIT D . 13.30 -30.89 11.15
O2 CIT D . 12.66 -29.29 9.96
C2 CIT D . 14.86 -29.97 9.48
C3 CIT D . 15.85 -29.24 10.48
O7 CIT D . 15.52 -29.47 11.88
C4 CIT D . 17.39 -29.32 10.36
C5 CIT D . 17.85 -29.11 11.82
O3 CIT D . 18.49 -30.05 12.38
O4 CIT D . 17.52 -28.03 12.44
C6 CIT D . 15.73 -27.81 10.35
O5 CIT D . 14.68 -27.42 10.96
O6 CIT D . 16.66 -27.12 9.71
C1 EDO E . 26.05 -8.78 18.61
O1 EDO E . 26.05 -7.88 17.43
C2 EDO E . 24.67 -9.16 19.11
O2 EDO E . 24.19 -7.94 19.84
C1 EDO F . 1.80 0.73 10.50
O1 EDO F . 2.39 2.01 10.99
C2 EDO F . 1.37 -0.15 11.65
O2 EDO F . 2.47 -0.65 12.42
N1 AZI G . 9.12 -24.74 -4.40
N2 AZI G . 8.65 -23.78 -3.67
N3 AZI G . 9.48 -22.85 -3.29
N1 BCN H . 19.99 8.30 8.11
C1 BCN H . 20.77 8.26 9.39
C2 BCN H . 22.02 7.39 9.37
O21 BCN H . 21.92 6.16 9.66
O22 BCN H . 23.11 7.98 9.13
C3 BCN H . 19.11 9.49 8.21
C4 BCN H . 17.84 9.26 9.04
O4 BCN H . 17.71 9.83 10.36
C5 BCN H . 20.74 8.18 6.81
C6 BCN H . 20.42 6.82 6.12
O6 BCN H . 20.57 6.76 4.68
C1 EDO I . 5.58 -23.36 18.99
O1 EDO I . 5.96 -21.98 18.79
C2 EDO I . 4.17 -23.76 19.22
O2 EDO I . 3.56 -24.86 18.67
C1 EDO J . -0.82 -29.51 15.84
O1 EDO J . -1.16 -29.02 17.19
C2 EDO J . -1.33 -30.89 15.36
O2 EDO J . -2.47 -30.93 14.42
C1 PEG K . 26.48 -10.28 8.48
O1 PEG K . 25.42 -9.37 8.49
C2 PEG K . 25.93 -11.61 7.99
O2 PEG K . 26.65 -12.84 8.26
C3 PEG K . 25.96 -14.04 7.81
C4 PEG K . 26.40 -14.68 6.49
O4 PEG K . 27.76 -14.91 6.19
CL LCP L . 29.37 -11.93 8.37
O1 LCP L . 30.92 -11.75 8.45
O2 LCP L . 28.84 -13.54 8.57
O3 LCP L . 28.85 -11.82 6.88
O4 LCP L . 28.69 -11.24 9.63
C ACT M . 11.49 -18.02 -3.82
O ACT M . 10.61 -18.13 -2.87
OXT ACT M . 12.25 -19.02 -4.17
CH3 ACT M . 11.65 -16.71 -4.58
C1 CIT N . 14.37 -38.46 -4.97
O1 CIT N . 13.35 -37.95 -5.52
O2 CIT N . 15.52 -38.44 -5.53
C2 CIT N . 14.17 -39.11 -3.58
C3 CIT N . 15.37 -39.73 -2.82
O7 CIT N . 16.53 -38.95 -3.21
C4 CIT N . 15.15 -39.73 -1.29
C5 CIT N . 16.27 -39.00 -0.55
O3 CIT N . 16.60 -39.35 0.61
O4 CIT N . 16.80 -38.03 -1.17
C6 CIT N . 15.49 -41.26 -3.12
O5 CIT N . 16.17 -42.00 -2.30
O6 CIT N . 14.87 -41.74 -4.15
F13 5DU O . 10.90 -20.79 -9.49
C9 5DU O . 9.65 -20.38 -9.85
C8 5DU O . 9.00 -19.44 -9.05
S24 5DU O . 9.88 -18.71 -7.68
C25 5DU O . 10.64 -20.15 -6.86
C26 5DU O . 9.69 -20.71 -5.79
O27 5DU O . 8.62 -21.55 -6.20
C7 5DU O . 7.70 -18.99 -9.32
F12 5DU O . 7.10 -18.08 -8.56
C6 5DU O . 6.97 -19.48 -10.37
F11 5DU O . 5.68 -18.98 -10.59
C10 5DU O . 8.97 -20.94 -10.95
C5 5DU O . 7.61 -20.44 -11.19
S1 5DU O . 6.52 -20.96 -12.53
O3 5DU O . 7.33 -21.81 -13.57
N4 5DU O . 5.87 -19.70 -13.59
O2 5DU O . 5.36 -21.81 -11.95
N14 5DU O . 9.78 -21.90 -11.71
C15 5DU O . 10.69 -21.51 -12.81
C19 5DU O . 11.67 -22.56 -13.23
C20 5DU O . 11.55 -23.97 -13.15
C21 5DU O . 12.63 -24.78 -13.61
C22 5DU O . 13.81 -24.17 -14.15
C23 5DU O . 13.88 -22.76 -14.22
C18 5DU O . 12.81 -21.95 -13.76
C17 5DU O . 12.70 -20.44 -13.72
C16 5DU O . 11.69 -20.33 -12.56
ZN ZN P . -9.72 19.93 0.58
C1 PEG Q . -3.31 28.54 19.78
O1 PEG Q . -3.86 29.82 19.44
C2 PEG Q . -1.93 27.91 19.58
O2 PEG Q . -1.62 27.30 18.29
C3 PEG Q . -0.52 27.18 17.33
C4 PEG Q . -0.54 27.79 15.97
O4 PEG Q . -0.41 29.12 15.68
C1 EDO R . -8.55 35.86 5.48
O1 EDO R . -9.58 36.26 4.52
C2 EDO R . -8.84 34.54 6.23
O2 EDO R . -10.16 34.55 6.83
C1 EDO S . 5.92 12.08 15.22
O1 EDO S . 7.24 12.72 15.05
C2 EDO S . 6.02 10.56 14.95
O2 EDO S . 5.17 9.90 15.87
C1 EDO T . -0.02 25.58 -17.43
O1 EDO T . 0.87 25.10 -18.45
C2 EDO T . 0.76 26.05 -16.20
O2 EDO T . 0.63 27.49 -16.34
C1 CIT U . -7.66 34.79 -5.47
O1 CIT U . -7.88 34.95 -4.22
O2 CIT U . -6.61 35.24 -6.02
C2 CIT U . -8.65 33.98 -6.34
C3 CIT U . -8.08 33.24 -7.61
O7 CIT U . -6.78 32.59 -7.27
C4 CIT U . -9.24 32.30 -8.13
C5 CIT U . -8.94 31.63 -9.44
O3 CIT U . -8.13 30.70 -9.43
O4 CIT U . -9.51 31.99 -10.48
C6 CIT U . -7.87 34.24 -8.77
O5 CIT U . -8.75 35.11 -9.02
O6 CIT U . -6.82 34.17 -9.49
C ACT V . -9.88 19.35 3.73
O ACT V . -10.61 20.36 3.98
OXT ACT V . -9.60 18.98 2.56
CH3 ACT V . -9.43 18.49 4.89
C1 CIT W . -26.91 33.41 -4.94
O1 CIT W . -27.30 34.26 -4.09
O2 CIT W . -27.66 32.49 -5.34
C2 CIT W . -25.50 33.45 -5.53
C3 CIT W . -24.46 34.33 -4.80
O7 CIT W . -24.19 33.86 -3.45
C4 CIT W . -23.16 34.40 -5.64
C5 CIT W . -22.06 35.16 -4.90
O3 CIT W . -21.79 34.82 -3.69
O4 CIT W . -21.43 36.09 -5.46
C6 CIT W . -24.99 35.78 -4.79
O5 CIT W . -24.76 36.53 -3.79
O6 CIT W . -25.62 36.18 -5.82
#